data_3DBA
#
_entry.id   3DBA
#
_cell.length_a   67.598
_cell.length_b   67.598
_cell.length_c   198.533
_cell.angle_alpha   90.00
_cell.angle_beta   90.00
_cell.angle_gamma   120.00
#
_symmetry.space_group_name_H-M   'P 32 2 1'
#
loop_
_entity.id
_entity.type
_entity.pdbx_description
1 polymer "Cone cGMP-specific 3',5'-cyclic phosphodiesterase subunit alpha'"
2 non-polymer "GUANOSINE-3',5'-MONOPHOSPHATE"
3 non-polymer GLYCEROL
4 water water
#
_entity_poly.entity_id   1
_entity_poly.type   'polypeptide(L)'
_entity_poly.pdbx_seq_one_letter_code
;MRLEECNILFELLTEIQDEAGSMEKIVHKTLQRLSQLLAADRCSMFICRSRNGIPEVATRLLNVTPTSKFEDNLVNPDKE
TVFPLDIGIAGWVAHTKKFFNIPDVKKNNHFSDYLDKKTGYTTVNMMAIPITQGKEVLAVVMALNKLNASEFSKEDEEVF
KKYLNFISLVLRLEHHHHHH
;
_entity_poly.pdbx_strand_id   A,B
#
# COMPACT_ATOMS: atom_id res chain seq x y z
N ARG A 2 -12.79 19.06 -21.20
CA ARG A 2 -12.34 18.06 -20.19
C ARG A 2 -11.45 18.75 -19.12
N LEU A 3 -11.97 19.84 -18.56
CA LEU A 3 -11.22 20.85 -17.78
C LEU A 3 -9.99 20.37 -17.03
N GLU A 4 -10.18 19.69 -15.89
CA GLU A 4 -9.04 19.38 -15.01
C GLU A 4 -8.00 18.47 -15.66
N GLU A 5 -8.33 17.84 -16.80
CA GLU A 5 -7.30 17.09 -17.53
C GLU A 5 -6.42 18.05 -18.30
N CYS A 6 -7.03 19.06 -18.92
CA CYS A 6 -6.27 20.05 -19.67
C CYS A 6 -5.28 20.74 -18.77
N ASN A 7 -5.73 21.06 -17.56
CA ASN A 7 -4.89 21.78 -16.64
C ASN A 7 -3.79 20.88 -16.11
N ILE A 8 -4.15 19.68 -15.69
CA ILE A 8 -3.17 18.75 -15.12
C ILE A 8 -2.05 18.48 -16.13
N LEU A 9 -2.42 18.16 -17.37
CA LEU A 9 -1.43 17.87 -18.40
C LEU A 9 -0.56 19.08 -18.75
N PHE A 10 -1.18 20.24 -18.97
CA PHE A 10 -0.41 21.44 -19.30
C PHE A 10 0.59 21.79 -18.20
N GLU A 11 0.14 21.76 -16.95
CA GLU A 11 0.98 22.15 -15.81
C GLU A 11 2.14 21.16 -15.64
N LEU A 12 1.79 19.89 -15.61
CA LEU A 12 2.74 18.79 -15.73
C LEU A 12 3.85 19.06 -16.76
N LEU A 13 3.48 19.51 -17.96
CA LEU A 13 4.46 19.71 -19.04
C LEU A 13 5.37 20.92 -18.84
N THR A 14 4.99 21.81 -17.92
CA THR A 14 5.82 22.95 -17.55
C THR A 14 6.85 22.57 -16.47
N GLU A 15 6.76 21.35 -15.94
CA GLU A 15 7.69 20.86 -14.92
C GLU A 15 8.83 19.99 -15.51
N ILE A 16 8.89 19.86 -16.83
CA ILE A 16 9.81 18.92 -17.51
C ILE A 16 11.02 19.66 -18.06
N GLN A 17 12.19 19.46 -17.46
CA GLN A 17 13.41 20.15 -17.89
C GLN A 17 13.81 19.78 -19.33
N ASP A 18 14.15 20.81 -20.08
CA ASP A 18 14.79 20.70 -21.40
C ASP A 18 16.09 19.87 -21.29
N GLU A 19 15.97 18.53 -21.34
CA GLU A 19 17.10 17.64 -21.04
C GLU A 19 17.13 16.28 -21.76
N ALA A 20 16.38 15.30 -21.25
CA ALA A 20 16.65 13.89 -21.55
C ALA A 20 16.15 13.43 -22.94
N GLY A 21 15.41 12.33 -23.08
CA GLY A 21 14.86 11.51 -21.99
C GLY A 21 13.63 12.11 -21.34
N SER A 22 13.25 13.31 -21.81
CA SER A 22 12.11 14.03 -21.28
C SER A 22 10.80 13.33 -21.62
N MET A 23 10.79 12.51 -22.67
CA MET A 23 9.58 11.77 -23.06
C MET A 23 9.20 10.73 -22.01
N GLU A 24 10.19 10.20 -21.31
CA GLU A 24 9.93 9.29 -20.19
C GLU A 24 9.71 10.04 -18.88
N LYS A 25 10.32 11.21 -18.72
CA LYS A 25 10.01 12.06 -17.59
C LYS A 25 8.56 12.54 -17.66
N ILE A 26 8.03 12.67 -18.89
CA ILE A 26 6.62 13.00 -19.11
C ILE A 26 5.71 11.84 -18.69
N VAL A 27 6.06 10.63 -19.12
CA VAL A 27 5.25 9.47 -18.77
C VAL A 27 5.26 9.34 -17.25
N HIS A 28 6.45 9.43 -16.67
CA HIS A 28 6.57 9.40 -15.22
C HIS A 28 5.61 10.39 -14.56
N LYS A 29 5.66 11.65 -14.96
CA LYS A 29 4.89 12.67 -14.26
C LYS A 29 3.39 12.42 -14.41
N THR A 30 2.98 12.05 -15.61
CA THR A 30 1.62 11.61 -15.87
C THR A 30 1.24 10.49 -14.88
N LEU A 31 2.12 9.49 -14.75
CA LEU A 31 1.83 8.37 -13.85
C LEU A 31 1.67 8.85 -12.40
N GLN A 32 2.54 9.78 -11.98
CA GLN A 32 2.45 10.38 -10.65
C GLN A 32 1.06 11.00 -10.44
N ARG A 33 0.52 11.64 -11.47
CA ARG A 33 -0.80 12.24 -11.38
C ARG A 33 -1.92 11.19 -11.38
N LEU A 34 -1.74 10.12 -12.14
CA LEU A 34 -2.69 9.01 -12.11
C LEU A 34 -2.78 8.40 -10.71
N SER A 35 -1.63 8.23 -10.06
CA SER A 35 -1.60 7.71 -8.70
C SER A 35 -2.54 8.51 -7.79
N GLN A 36 -2.46 9.83 -7.89
CA GLN A 36 -3.32 10.72 -7.10
C GLN A 36 -4.77 10.53 -7.45
N LEU A 37 -5.07 10.55 -8.75
CA LEU A 37 -6.46 10.51 -9.20
C LEU A 37 -7.13 9.15 -8.88
N LEU A 38 -6.37 8.06 -8.95
CA LEU A 38 -6.89 6.71 -8.67
C LEU A 38 -6.66 6.25 -7.21
N ALA A 39 -5.97 7.06 -6.40
CA ALA A 39 -5.52 6.60 -5.09
C ALA A 39 -4.87 5.24 -5.26
N ALA A 40 -3.95 5.14 -6.23
CA ALA A 40 -3.18 3.93 -6.46
C ALA A 40 -1.87 4.03 -5.69
N ASP A 41 -1.45 2.95 -5.05
CA ASP A 41 -0.25 2.93 -4.22
C ASP A 41 0.97 3.27 -5.06
N ARG A 42 0.99 2.75 -6.29
CA ARG A 42 2.01 3.12 -7.27
C ARG A 42 1.56 2.78 -8.67
N CYS A 43 2.24 3.38 -9.65
CA CYS A 43 2.11 2.97 -11.02
C CYS A 43 3.49 2.57 -11.54
N SER A 44 3.50 1.78 -12.61
CA SER A 44 4.71 1.30 -13.22
C SER A 44 4.60 1.24 -14.74
N MET A 45 5.74 1.15 -15.40
CA MET A 45 5.77 0.86 -16.82
C MET A 45 6.82 -0.20 -17.16
N PHE A 46 6.41 -1.13 -18.02
CA PHE A 46 7.30 -2.12 -18.60
C PHE A 46 7.42 -1.74 -20.06
N ILE A 47 8.65 -1.67 -20.54
CA ILE A 47 8.88 -1.49 -21.96
C ILE A 47 8.69 -2.84 -22.61
N CYS A 48 8.26 -2.83 -23.85
CA CYS A 48 8.12 -4.05 -24.62
C CYS A 48 8.93 -3.92 -25.90
N ARG A 49 9.87 -4.85 -26.09
CA ARG A 49 10.72 -4.87 -27.27
C ARG A 49 10.89 -6.31 -27.72
N SER A 50 11.61 -6.53 -28.81
CA SER A 50 11.86 -7.88 -29.30
C SER A 50 13.28 -8.11 -29.81
N ARG A 51 13.63 -9.39 -29.88
CA ARG A 51 14.95 -9.82 -30.30
C ARG A 51 14.79 -10.98 -31.29
N ASN A 52 14.86 -10.66 -32.58
CA ASN A 52 14.70 -11.63 -33.69
C ASN A 52 13.29 -12.20 -33.81
N GLY A 53 12.29 -11.35 -33.60
CA GLY A 53 10.88 -11.77 -33.63
C GLY A 53 10.36 -12.26 -32.29
N ILE A 54 11.24 -12.38 -31.30
CA ILE A 54 10.87 -12.82 -29.96
C ILE A 54 10.60 -11.60 -29.08
N PRO A 55 9.31 -11.30 -28.82
CA PRO A 55 9.06 -10.16 -27.93
C PRO A 55 9.38 -10.50 -26.48
N GLU A 56 9.54 -9.46 -25.67
CA GLU A 56 9.72 -9.58 -24.23
C GLU A 56 9.36 -8.26 -23.58
N VAL A 57 9.14 -8.32 -22.28
CA VAL A 57 8.64 -7.20 -21.49
C VAL A 57 9.60 -6.95 -20.33
N ALA A 58 9.99 -5.70 -20.11
CA ALA A 58 11.07 -5.40 -19.14
C ALA A 58 10.75 -4.22 -18.24
N THR A 59 11.21 -4.29 -16.99
CA THR A 59 11.03 -3.20 -16.04
C THR A 59 11.77 -1.93 -16.52
N ARG A 60 11.16 -0.79 -16.26
CA ARG A 60 11.55 0.50 -16.84
C ARG A 60 11.30 1.61 -15.84
N LEU A 61 10.05 1.77 -15.42
CA LEU A 61 9.66 2.66 -14.33
C LEU A 61 8.91 1.84 -13.27
N LEU A 62 9.45 1.78 -12.05
CA LEU A 62 8.74 1.17 -10.94
C LEU A 62 8.50 2.17 -9.83
N ASN A 63 7.47 1.91 -9.03
CA ASN A 63 7.24 2.64 -7.80
C ASN A 63 7.02 4.13 -8.03
N VAL A 64 6.24 4.44 -9.06
CA VAL A 64 5.91 5.81 -9.36
C VAL A 64 4.75 6.24 -8.45
N THR A 65 4.84 7.46 -7.95
CA THR A 65 4.16 7.89 -6.75
C THR A 65 4.17 9.41 -6.77
N PRO A 66 3.24 10.07 -6.08
CA PRO A 66 3.23 11.53 -6.19
C PRO A 66 4.47 12.25 -5.61
N THR A 67 5.21 11.57 -4.75
CA THR A 67 6.40 12.14 -4.10
C THR A 67 7.64 11.37 -4.47
N SER A 68 7.62 10.73 -5.64
CA SER A 68 8.68 9.83 -6.05
C SER A 68 9.61 10.52 -7.04
N LYS A 69 10.89 10.19 -6.97
CA LYS A 69 11.87 10.81 -7.83
C LYS A 69 12.05 9.98 -9.09
N PHE A 70 12.22 10.64 -10.23
CA PHE A 70 12.35 9.96 -11.51
C PHE A 70 13.59 9.08 -11.53
N GLU A 71 14.73 9.62 -11.11
CA GLU A 71 15.97 8.85 -11.12
C GLU A 71 15.94 7.65 -10.15
N ASP A 72 15.06 7.71 -9.15
CA ASP A 72 14.81 6.55 -8.30
C ASP A 72 13.86 5.55 -8.96
N ASN A 73 12.94 6.02 -9.79
CA ASN A 73 11.96 5.16 -10.46
C ASN A 73 12.46 4.53 -11.75
N LEU A 74 13.36 5.21 -12.45
CA LEU A 74 13.95 4.68 -13.68
C LEU A 74 14.75 3.42 -13.37
N VAL A 75 14.41 2.32 -14.04
CA VAL A 75 15.16 1.08 -13.86
C VAL A 75 16.50 1.18 -14.59
N ASN A 76 17.58 0.80 -13.90
CA ASN A 76 18.92 0.81 -14.49
C ASN A 76 19.03 -0.31 -15.53
N PRO A 77 19.29 0.05 -16.80
CA PRO A 77 19.33 -0.94 -17.89
C PRO A 77 20.06 -2.24 -17.53
N ASP A 78 21.12 -2.14 -16.74
CA ASP A 78 21.87 -3.33 -16.31
C ASP A 78 21.01 -4.25 -15.45
N LYS A 79 20.17 -3.68 -14.59
CA LYS A 79 19.45 -4.45 -13.58
C LYS A 79 17.94 -4.58 -13.88
N GLU A 80 17.60 -4.72 -15.15
CA GLU A 80 16.20 -4.75 -15.55
C GLU A 80 15.67 -6.18 -15.69
N THR A 81 14.54 -6.44 -15.04
CA THR A 81 13.93 -7.75 -15.05
C THR A 81 13.13 -7.94 -16.34
N VAL A 82 13.52 -8.94 -17.13
CA VAL A 82 12.90 -9.25 -18.42
C VAL A 82 11.99 -10.48 -18.30
N PHE A 83 10.83 -10.42 -18.93
CA PHE A 83 9.88 -11.54 -18.96
C PHE A 83 9.60 -11.92 -20.40
N PRO A 84 9.46 -13.23 -20.68
CA PRO A 84 8.85 -13.61 -21.95
C PRO A 84 7.36 -13.40 -21.80
N LEU A 85 6.63 -13.24 -22.89
CA LEU A 85 5.22 -12.87 -22.80
C LEU A 85 4.29 -13.96 -22.26
N ASP A 86 4.79 -15.19 -22.16
CA ASP A 86 4.02 -16.28 -21.53
C ASP A 86 4.26 -16.39 -20.01
N ILE A 87 4.89 -15.36 -19.43
CA ILE A 87 5.05 -15.26 -17.97
C ILE A 87 4.64 -13.87 -17.48
N GLY A 88 3.67 -13.81 -16.59
CA GLY A 88 3.24 -12.54 -16.01
C GLY A 88 1.97 -11.95 -16.62
N ILE A 89 1.24 -11.18 -15.81
CA ILE A 89 0.12 -10.40 -16.31
C ILE A 89 0.64 -9.35 -17.28
N ALA A 90 1.78 -8.76 -16.99
CA ALA A 90 2.36 -7.74 -17.85
C ALA A 90 2.59 -8.35 -19.23
N GLY A 91 3.25 -9.50 -19.26
CA GLY A 91 3.51 -10.20 -20.51
C GLY A 91 2.22 -10.64 -21.19
N TRP A 92 1.22 -10.99 -20.40
CA TRP A 92 -0.06 -11.40 -20.97
C TRP A 92 -0.76 -10.21 -21.64
N VAL A 93 -0.70 -9.05 -21.00
CA VAL A 93 -1.29 -7.83 -21.56
C VAL A 93 -0.64 -7.52 -22.90
N ALA A 94 0.68 -7.67 -22.96
CA ALA A 94 1.47 -7.43 -24.17
C ALA A 94 1.09 -8.40 -25.25
N HIS A 95 0.87 -9.66 -24.86
CA HIS A 95 0.51 -10.69 -25.82
C HIS A 95 -0.88 -10.46 -26.41
N THR A 96 -1.86 -10.23 -25.54
CA THR A 96 -3.25 -10.14 -25.96
C THR A 96 -3.63 -8.75 -26.47
N LYS A 97 -2.84 -7.74 -26.12
CA LYS A 97 -3.12 -6.34 -26.46
C LYS A 97 -4.45 -5.91 -25.85
N LYS A 98 -4.78 -6.47 -24.68
CA LYS A 98 -6.03 -6.18 -23.97
C LYS A 98 -5.80 -5.45 -22.65
N PHE A 99 -6.77 -4.63 -22.27
CA PHE A 99 -6.83 -4.01 -20.95
C PHE A 99 -7.36 -5.02 -19.92
N PHE A 100 -6.87 -4.95 -18.68
CA PHE A 100 -7.37 -5.80 -17.58
C PHE A 100 -7.47 -5.03 -16.28
N ASN A 101 -8.59 -5.19 -15.60
CA ASN A 101 -8.75 -4.71 -14.24
C ASN A 101 -8.76 -5.92 -13.34
N ILE A 102 -7.60 -6.25 -12.77
CA ILE A 102 -7.49 -7.48 -11.97
C ILE A 102 -7.73 -7.13 -10.51
N PRO A 103 -8.79 -7.67 -9.91
CA PRO A 103 -9.10 -7.37 -8.51
C PRO A 103 -8.31 -8.16 -7.50
N ASP A 104 -7.80 -9.34 -7.85
CA ASP A 104 -7.01 -10.16 -6.92
C ASP A 104 -5.99 -11.03 -7.63
N VAL A 105 -4.72 -10.58 -7.63
CA VAL A 105 -3.71 -11.27 -8.44
C VAL A 105 -3.54 -12.73 -8.06
N LYS A 106 -3.78 -13.07 -6.80
CA LYS A 106 -3.74 -14.48 -6.34
C LYS A 106 -4.79 -15.39 -6.99
N LYS A 107 -5.83 -14.82 -7.60
CA LYS A 107 -6.85 -15.60 -8.30
C LYS A 107 -6.74 -15.46 -9.83
N ASN A 108 -5.63 -14.89 -10.29
CA ASN A 108 -5.35 -14.72 -11.70
C ASN A 108 -4.07 -15.47 -12.07
N ASN A 109 -4.22 -16.68 -12.60
CA ASN A 109 -3.08 -17.30 -13.30
C ASN A 109 -2.64 -16.31 -14.36
N HIS A 110 -1.42 -16.45 -14.85
CA HIS A 110 -0.71 -15.36 -15.55
C HIS A 110 0.10 -14.60 -14.54
N PHE A 111 -0.48 -14.28 -13.38
CA PHE A 111 0.31 -13.58 -12.38
C PHE A 111 1.60 -14.31 -12.12
N SER A 112 2.71 -13.56 -12.18
CA SER A 112 4.05 -14.04 -11.82
C SER A 112 4.51 -13.30 -10.58
N ASP A 113 4.95 -14.04 -9.57
CA ASP A 113 5.36 -13.45 -8.31
C ASP A 113 6.87 -13.21 -8.24
N TYR A 114 7.55 -13.26 -9.37
CA TYR A 114 9.01 -13.14 -9.37
C TYR A 114 9.49 -11.78 -8.85
N LEU A 115 8.88 -10.69 -9.33
CA LEU A 115 9.27 -9.35 -8.88
C LEU A 115 8.91 -9.13 -7.41
N ASP A 116 7.79 -9.69 -6.95
CA ASP A 116 7.39 -9.57 -5.56
C ASP A 116 8.47 -10.20 -4.66
N LYS A 117 8.98 -11.36 -5.08
CA LYS A 117 10.03 -12.07 -4.34
C LYS A 117 11.32 -11.25 -4.29
N LYS A 118 11.72 -10.72 -5.45
CA LYS A 118 12.96 -9.93 -5.54
C LYS A 118 12.85 -8.61 -4.79
N THR A 119 11.85 -7.81 -5.15
CA THR A 119 11.72 -6.48 -4.56
C THR A 119 11.18 -6.46 -3.12
N GLY A 120 10.47 -7.53 -2.73
CA GLY A 120 9.81 -7.59 -1.42
C GLY A 120 8.43 -6.96 -1.37
N TYR A 121 7.98 -6.36 -2.47
CA TYR A 121 6.65 -5.74 -2.54
C TYR A 121 5.53 -6.77 -2.66
N THR A 122 4.39 -6.49 -2.03
CA THR A 122 3.22 -7.35 -2.18
C THR A 122 2.21 -6.73 -3.13
N THR A 123 2.00 -7.40 -4.26
CA THR A 123 1.04 -6.94 -5.26
C THR A 123 -0.28 -7.62 -5.01
N VAL A 124 -1.36 -6.85 -4.91
CA VAL A 124 -2.70 -7.41 -4.66
C VAL A 124 -3.62 -7.27 -5.87
N ASN A 125 -3.94 -6.04 -6.24
CA ASN A 125 -4.79 -5.81 -7.39
C ASN A 125 -4.13 -4.85 -8.34
N MET A 126 -4.73 -4.69 -9.52
CA MET A 126 -3.99 -4.14 -10.63
C MET A 126 -4.89 -3.78 -11.79
N MET A 127 -4.59 -2.65 -12.41
CA MET A 127 -5.11 -2.35 -13.74
C MET A 127 -3.90 -2.40 -14.63
N ALA A 128 -4.08 -2.93 -15.84
CA ALA A 128 -2.97 -3.04 -16.78
C ALA A 128 -3.50 -2.79 -18.18
N ILE A 129 -2.69 -2.10 -18.97
CA ILE A 129 -3.08 -1.67 -20.29
C ILE A 129 -1.85 -1.63 -21.22
N PRO A 130 -1.98 -2.11 -22.45
CA PRO A 130 -0.86 -2.07 -23.37
C PRO A 130 -0.86 -0.79 -24.22
N ILE A 131 0.31 -0.18 -24.38
CA ILE A 131 0.46 0.95 -25.27
C ILE A 131 0.95 0.42 -26.61
N THR A 132 0.17 0.66 -27.66
CA THR A 132 0.43 0.05 -28.96
C THR A 132 0.83 1.07 -30.03
N GLN A 133 1.51 0.59 -31.05
CA GLN A 133 1.73 1.32 -32.31
C GLN A 133 1.42 0.32 -33.41
N GLY A 134 0.27 0.50 -34.06
CA GLY A 134 -0.19 -0.46 -35.06
C GLY A 134 -0.32 -1.84 -34.45
N LYS A 135 0.23 -2.84 -35.11
CA LYS A 135 0.13 -4.22 -34.63
C LYS A 135 1.20 -4.63 -33.59
N GLU A 136 2.02 -3.67 -33.16
CA GLU A 136 3.14 -3.94 -32.25
C GLU A 136 3.03 -3.15 -30.95
N VAL A 137 3.41 -3.77 -29.84
CA VAL A 137 3.31 -3.17 -28.49
C VAL A 137 4.62 -2.50 -28.05
N LEU A 138 4.48 -1.31 -27.47
CA LEU A 138 5.61 -0.48 -27.04
C LEU A 138 5.84 -0.55 -25.53
N ALA A 139 4.75 -0.66 -24.78
CA ALA A 139 4.84 -0.70 -23.34
C ALA A 139 3.60 -1.32 -22.71
N VAL A 140 3.70 -1.62 -21.42
CA VAL A 140 2.55 -1.96 -20.59
C VAL A 140 2.63 -1.08 -19.36
N VAL A 141 1.52 -0.42 -19.03
CA VAL A 141 1.45 0.49 -17.89
C VAL A 141 0.47 -0.10 -16.89
N MET A 142 0.82 -0.07 -15.62
CA MET A 142 -0.12 -0.49 -14.59
C MET A 142 -0.20 0.40 -13.36
N ALA A 143 -1.41 0.39 -12.76
CA ALA A 143 -1.66 0.98 -11.45
C ALA A 143 -1.85 -0.14 -10.46
N LEU A 144 -0.99 -0.19 -9.45
CA LEU A 144 -1.04 -1.25 -8.48
C LEU A 144 -1.66 -0.79 -7.17
N ASN A 145 -2.32 -1.73 -6.49
CA ASN A 145 -2.80 -1.57 -5.12
C ASN A 145 -3.63 -0.33 -4.81
N LYS A 146 -4.93 -0.44 -5.08
CA LYS A 146 -5.89 0.58 -4.70
C LYS A 146 -5.87 0.76 -3.19
N LEU A 147 -5.73 2.01 -2.77
CA LEU A 147 -5.52 2.36 -1.36
C LEU A 147 -6.81 2.50 -0.54
N ASN A 148 -7.90 2.90 -1.18
CA ASN A 148 -9.13 3.26 -0.45
C ASN A 148 -10.33 2.41 -0.85
N ALA A 149 -10.07 1.15 -1.17
CA ALA A 149 -11.11 0.21 -1.58
C ALA A 149 -10.45 -1.11 -1.92
N SER A 150 -11.27 -2.17 -1.93
CA SER A 150 -10.75 -3.52 -2.09
C SER A 150 -10.21 -3.77 -3.49
N GLU A 151 -10.63 -2.95 -4.45
CA GLU A 151 -10.19 -3.08 -5.85
C GLU A 151 -10.43 -1.79 -6.62
N PHE A 152 -9.84 -1.68 -7.82
CA PHE A 152 -10.08 -0.55 -8.69
C PHE A 152 -11.48 -0.64 -9.30
N SER A 153 -12.17 0.50 -9.34
CA SER A 153 -13.57 0.55 -9.75
C SER A 153 -13.70 0.56 -11.27
N LYS A 154 -14.93 0.40 -11.77
CA LYS A 154 -15.21 0.62 -13.18
C LYS A 154 -14.86 2.07 -13.54
N GLU A 155 -15.32 3.00 -12.70
CA GLU A 155 -15.05 4.42 -12.88
C GLU A 155 -13.55 4.68 -12.98
N ASP A 156 -12.78 4.04 -12.10
CA ASP A 156 -11.31 4.09 -12.14
C ASP A 156 -10.76 3.65 -13.49
N GLU A 157 -11.35 2.63 -14.10
CA GLU A 157 -10.95 2.20 -15.44
C GLU A 157 -11.06 3.36 -16.42
N GLU A 158 -12.12 4.14 -16.28
CA GLU A 158 -12.41 5.23 -17.21
C GLU A 158 -11.36 6.33 -17.13
N VAL A 159 -10.84 6.59 -15.93
CA VAL A 159 -9.86 7.65 -15.69
C VAL A 159 -8.47 7.22 -16.23
N PHE A 160 -8.02 6.08 -15.76
CA PHE A 160 -6.84 5.41 -16.29
C PHE A 160 -6.80 5.40 -17.82
N LYS A 161 -7.89 4.94 -18.44
CA LYS A 161 -7.96 4.90 -19.90
C LYS A 161 -7.87 6.31 -20.52
N LYS A 162 -8.49 7.28 -19.84
CA LYS A 162 -8.47 8.67 -20.27
C LYS A 162 -7.02 9.21 -20.34
N TYR A 163 -6.23 8.96 -19.28
CA TYR A 163 -4.85 9.45 -19.21
C TYR A 163 -3.86 8.62 -20.05
N LEU A 164 -4.29 7.44 -20.48
CA LEU A 164 -3.42 6.56 -21.24
C LEU A 164 -3.53 6.78 -22.75
N ASN A 165 -4.52 7.55 -23.21
CA ASN A 165 -4.47 8.10 -24.57
C ASN A 165 -3.29 9.07 -24.71
N PHE A 166 -3.06 9.86 -23.66
CA PHE A 166 -1.98 10.85 -23.64
C PHE A 166 -0.63 10.18 -23.61
N ILE A 167 -0.44 9.23 -22.69
CA ILE A 167 0.83 8.53 -22.58
C ILE A 167 1.16 7.87 -23.92
N SER A 168 0.18 7.18 -24.49
CA SER A 168 0.30 6.61 -25.82
C SER A 168 0.87 7.63 -26.79
N LEU A 169 0.22 8.78 -26.89
CA LEU A 169 0.68 9.84 -27.80
C LEU A 169 2.15 10.14 -27.55
N VAL A 170 2.48 10.37 -26.28
CA VAL A 170 3.84 10.72 -25.89
C VAL A 170 4.83 9.61 -26.26
N LEU A 171 4.46 8.35 -26.03
CA LEU A 171 5.31 7.20 -26.39
C LEU A 171 5.34 6.96 -27.91
N ARG A 172 5.43 8.03 -28.68
CA ARG A 172 5.62 7.96 -30.12
C ARG A 172 6.43 9.21 -30.53
N ARG B 2 -17.77 4.18 -3.07
CA ARG B 2 -17.10 3.00 -2.44
C ARG B 2 -15.65 3.36 -2.09
N LEU B 3 -14.97 3.98 -3.05
CA LEU B 3 -13.69 4.64 -2.81
C LEU B 3 -13.83 5.83 -1.85
N GLU B 4 -14.99 6.48 -1.88
CA GLU B 4 -15.25 7.65 -1.02
C GLU B 4 -15.86 7.27 0.33
N GLU B 5 -16.02 5.98 0.58
CA GLU B 5 -16.59 5.50 1.83
C GLU B 5 -15.79 6.00 3.01
N CYS B 6 -14.49 5.76 2.95
CA CYS B 6 -13.59 6.11 4.03
C CYS B 6 -13.69 7.59 4.40
N ASN B 7 -13.82 8.46 3.39
CA ASN B 7 -14.00 9.90 3.63
C ASN B 7 -15.39 10.28 4.12
N ILE B 8 -16.44 9.79 3.46
CA ILE B 8 -17.82 10.07 3.89
C ILE B 8 -17.99 9.79 5.39
N LEU B 9 -17.46 8.66 5.85
CA LEU B 9 -17.49 8.30 7.28
C LEU B 9 -16.59 9.20 8.13
N PHE B 10 -15.46 9.63 7.56
CA PHE B 10 -14.52 10.49 8.25
C PHE B 10 -15.01 11.93 8.36
N GLU B 11 -15.57 12.46 7.28
CA GLU B 11 -16.23 13.76 7.30
C GLU B 11 -17.47 13.74 8.20
N LEU B 12 -18.17 12.60 8.20
CA LEU B 12 -19.28 12.37 9.12
C LEU B 12 -18.81 12.48 10.59
N LEU B 13 -17.77 11.74 10.93
CA LEU B 13 -17.28 11.66 12.32
C LEU B 13 -16.60 12.95 12.81
N THR B 14 -16.09 13.77 11.90
CA THR B 14 -15.33 14.97 12.25
C THR B 14 -16.15 16.26 12.34
N GLU B 15 -17.34 16.29 11.73
CA GLU B 15 -18.20 17.48 11.82
C GLU B 15 -19.16 17.44 13.01
N ILE B 16 -19.53 16.25 13.47
CA ILE B 16 -20.06 16.10 14.83
C ILE B 16 -18.84 16.19 15.76
N GLN B 17 -18.54 17.41 16.21
CA GLN B 17 -17.19 17.76 16.72
C GLN B 17 -16.61 16.81 17.78
N ASP B 18 -17.42 16.46 18.78
CA ASP B 18 -16.98 15.54 19.83
C ASP B 18 -16.76 14.15 19.22
N GLU B 19 -15.65 13.51 19.59
CA GLU B 19 -15.29 12.19 19.04
C GLU B 19 -16.00 11.03 19.77
N ALA B 20 -17.11 11.32 20.43
CA ALA B 20 -17.95 10.29 21.09
C ALA B 20 -18.85 9.60 20.06
N GLY B 21 -18.24 8.96 19.07
CA GLY B 21 -18.96 8.20 18.04
C GLY B 21 -18.09 7.19 17.31
N SER B 22 -17.09 6.65 18.03
CA SER B 22 -16.12 5.69 17.49
C SER B 22 -15.38 6.13 16.22
N MET B 23 -14.22 6.76 16.43
CA MET B 23 -13.20 6.87 15.38
C MET B 23 -12.51 5.51 15.23
N GLU B 24 -12.98 4.52 15.99
CA GLU B 24 -12.44 3.16 15.93
C GLU B 24 -13.03 2.34 14.78
N LYS B 25 -14.21 2.71 14.28
CA LYS B 25 -14.74 2.09 13.07
C LYS B 25 -13.85 2.46 11.87
N ILE B 26 -13.44 3.73 11.82
CA ILE B 26 -12.60 4.23 10.74
C ILE B 26 -11.21 3.61 10.81
N VAL B 27 -10.69 3.45 12.03
CA VAL B 27 -9.42 2.77 12.23
C VAL B 27 -9.56 1.32 11.82
N HIS B 28 -10.69 0.71 12.17
CA HIS B 28 -10.96 -0.68 11.81
C HIS B 28 -11.00 -0.87 10.30
N LYS B 29 -11.85 -0.10 9.62
CA LYS B 29 -11.90 -0.16 8.14
C LYS B 29 -10.49 0.00 7.57
N THR B 30 -9.74 0.96 8.08
CA THR B 30 -8.43 1.25 7.53
C THR B 30 -7.43 0.10 7.81
N LEU B 31 -7.52 -0.49 9.00
CA LEU B 31 -6.71 -1.66 9.33
C LEU B 31 -7.05 -2.91 8.49
N GLN B 32 -8.27 -3.01 7.96
CA GLN B 32 -8.61 -4.09 7.02
C GLN B 32 -7.80 -3.96 5.74
N ARG B 33 -7.88 -2.80 5.08
CA ARG B 33 -7.11 -2.56 3.85
C ARG B 33 -5.63 -2.75 4.07
N LEU B 34 -5.13 -2.32 5.22
CA LEU B 34 -3.70 -2.45 5.53
C LEU B 34 -3.27 -3.93 5.50
N SER B 35 -4.12 -4.82 6.01
CA SER B 35 -3.83 -6.27 6.00
C SER B 35 -3.70 -6.81 4.59
N GLN B 36 -4.67 -6.48 3.77
CA GLN B 36 -4.71 -6.95 2.41
C GLN B 36 -3.38 -6.64 1.76
N LEU B 37 -3.00 -5.36 1.78
CA LEU B 37 -1.82 -4.89 1.05
C LEU B 37 -0.49 -5.19 1.76
N LEU B 38 -0.54 -5.61 3.02
CA LEU B 38 0.64 -6.10 3.73
C LEU B 38 0.78 -7.61 3.64
N ALA B 39 -0.35 -8.28 3.47
CA ALA B 39 -0.43 -9.73 3.66
C ALA B 39 0.08 -10.05 5.07
N ALA B 40 -0.34 -9.24 6.04
CA ALA B 40 -0.14 -9.57 7.45
C ALA B 40 -1.26 -10.49 7.84
N ASP B 41 -0.94 -11.52 8.63
CA ASP B 41 -1.96 -12.43 9.10
C ASP B 41 -3.00 -11.65 9.89
N ARG B 42 -2.53 -10.77 10.78
CA ARG B 42 -3.40 -9.99 11.65
C ARG B 42 -2.83 -8.61 11.97
N CYS B 43 -3.72 -7.66 12.23
CA CYS B 43 -3.36 -6.30 12.63
C CYS B 43 -4.10 -5.91 13.90
N SER B 44 -3.52 -5.02 14.69
CA SER B 44 -4.12 -4.61 15.95
C SER B 44 -3.88 -3.16 16.25
N MET B 45 -4.69 -2.61 17.14
CA MET B 45 -4.42 -1.31 17.74
C MET B 45 -4.50 -1.41 19.25
N PHE B 46 -3.48 -0.84 19.90
CA PHE B 46 -3.39 -0.77 21.34
C PHE B 46 -3.61 0.68 21.74
N ILE B 47 -4.61 0.91 22.60
CA ILE B 47 -4.85 2.24 23.16
C ILE B 47 -3.78 2.53 24.21
N CYS B 48 -3.41 3.81 24.34
CA CYS B 48 -2.35 4.23 25.23
C CYS B 48 -2.91 5.22 26.23
N ARG B 49 -2.79 4.90 27.52
CA ARG B 49 -3.44 5.67 28.57
C ARG B 49 -2.60 5.81 29.84
N SER B 50 -3.04 6.70 30.72
CA SER B 50 -2.48 6.86 32.06
C SER B 50 -3.59 6.53 33.06
N ARG B 51 -3.31 5.63 33.99
CA ARG B 51 -4.35 5.05 34.83
C ARG B 51 -3.77 4.59 36.18
N ASN B 52 -3.87 5.42 37.22
CA ASN B 52 -4.34 6.80 37.14
C ASN B 52 -3.18 7.71 37.57
N GLY B 53 -2.33 8.03 36.60
CA GLY B 53 -1.05 8.71 36.88
C GLY B 53 0.17 7.91 36.41
N ILE B 54 -0.05 6.75 35.80
CA ILE B 54 1.02 5.82 35.40
C ILE B 54 0.76 5.29 33.97
N PRO B 55 1.73 5.48 33.05
CA PRO B 55 1.48 5.17 31.62
C PRO B 55 1.37 3.68 31.35
N GLU B 56 0.52 3.34 30.39
CA GLU B 56 0.22 1.94 30.06
C GLU B 56 -0.27 1.82 28.62
N VAL B 57 -0.09 0.62 28.06
CA VAL B 57 -0.62 0.30 26.75
C VAL B 57 -1.66 -0.81 26.95
N ALA B 58 -2.85 -0.61 26.39
CA ALA B 58 -3.97 -1.56 26.55
C ALA B 58 -4.41 -2.09 25.21
N THR B 59 -5.20 -3.17 25.20
CA THR B 59 -5.75 -3.75 23.97
C THR B 59 -7.07 -3.04 23.60
N ARG B 60 -7.31 -2.87 22.31
CA ARG B 60 -8.50 -2.18 21.81
C ARG B 60 -9.08 -2.84 20.57
N LEU B 61 -8.25 -3.00 19.54
CA LEU B 61 -8.64 -3.70 18.32
C LEU B 61 -7.67 -4.87 18.12
N LEU B 62 -8.21 -6.09 18.00
CA LEU B 62 -7.40 -7.29 17.82
C LEU B 62 -7.85 -8.09 16.59
N ASN B 63 -6.93 -8.87 16.02
CA ASN B 63 -7.27 -9.87 15.01
C ASN B 63 -7.95 -9.29 13.77
N VAL B 64 -7.45 -8.15 13.30
CA VAL B 64 -8.02 -7.53 12.12
C VAL B 64 -7.45 -8.25 10.90
N THR B 65 -8.36 -8.73 10.06
CA THR B 65 -8.04 -9.36 8.79
C THR B 65 -8.78 -8.58 7.72
N PRO B 66 -8.50 -8.83 6.42
CA PRO B 66 -9.22 -8.10 5.37
C PRO B 66 -10.76 -8.07 5.50
N THR B 67 -11.34 -9.07 6.17
CA THR B 67 -12.78 -9.20 6.25
C THR B 67 -13.36 -9.38 7.65
N SER B 68 -12.55 -9.31 8.70
CA SER B 68 -13.06 -9.52 10.05
C SER B 68 -14.03 -8.40 10.44
N LYS B 69 -15.14 -8.78 11.05
CA LYS B 69 -16.19 -7.83 11.39
C LYS B 69 -15.80 -7.01 12.62
N PHE B 70 -16.22 -5.73 12.63
CA PHE B 70 -15.81 -4.77 13.65
C PHE B 70 -16.01 -5.27 15.08
N GLU B 71 -17.21 -5.80 15.36
CA GLU B 71 -17.55 -6.32 16.69
C GLU B 71 -16.59 -7.43 17.14
N ASP B 72 -16.18 -8.29 16.20
CA ASP B 72 -15.26 -9.39 16.51
C ASP B 72 -13.84 -8.91 16.80
N ASN B 73 -13.51 -7.69 16.36
CA ASN B 73 -12.18 -7.13 16.62
C ASN B 73 -12.13 -6.21 17.83
N LEU B 74 -13.22 -5.50 18.09
CA LEU B 74 -13.28 -4.57 19.20
C LEU B 74 -13.35 -5.33 20.51
N VAL B 75 -12.37 -5.09 21.37
CA VAL B 75 -12.40 -5.60 22.75
C VAL B 75 -12.91 -4.51 23.69
N ASN B 76 -14.08 -4.75 24.27
CA ASN B 76 -14.63 -3.80 25.24
C ASN B 76 -13.83 -3.86 26.55
N PRO B 77 -13.86 -2.78 27.35
CA PRO B 77 -13.19 -2.77 28.66
C PRO B 77 -13.58 -3.90 29.62
N ASP B 78 -14.63 -4.67 29.29
CA ASP B 78 -14.97 -5.88 30.04
C ASP B 78 -13.82 -6.88 30.17
N LYS B 79 -12.93 -6.92 29.19
CA LYS B 79 -11.94 -7.98 29.10
C LYS B 79 -10.76 -7.58 28.20
N GLU B 80 -10.02 -6.57 28.64
CA GLU B 80 -8.85 -6.05 27.89
C GLU B 80 -7.54 -6.42 28.60
N THR B 81 -6.43 -6.39 27.85
CA THR B 81 -5.12 -6.75 28.38
C THR B 81 -4.18 -5.54 28.42
N VAL B 82 -3.76 -5.14 29.62
CA VAL B 82 -2.98 -3.92 29.82
C VAL B 82 -1.51 -4.21 30.15
N PHE B 83 -0.61 -3.45 29.51
CA PHE B 83 0.84 -3.58 29.72
C PHE B 83 1.48 -2.28 30.24
N PRO B 84 2.32 -2.37 31.28
CA PRO B 84 3.27 -1.29 31.54
C PRO B 84 4.27 -1.22 30.39
N LEU B 85 4.83 -0.04 30.15
CA LEU B 85 5.65 0.17 28.96
C LEU B 85 6.97 -0.61 28.93
N ASP B 86 7.43 -1.07 30.10
CA ASP B 86 8.62 -1.95 30.16
C ASP B 86 8.29 -3.41 29.80
N ILE B 87 7.06 -3.84 30.11
CA ILE B 87 6.60 -5.17 29.70
C ILE B 87 6.03 -5.13 28.29
N GLY B 88 6.63 -5.90 27.39
CA GLY B 88 6.09 -6.09 26.05
C GLY B 88 6.63 -5.16 25.00
N ILE B 89 6.80 -5.69 23.79
CA ILE B 89 7.34 -4.94 22.65
C ILE B 89 6.41 -3.83 22.12
N ALA B 90 5.11 -3.92 22.39
CA ALA B 90 4.18 -2.81 22.09
C ALA B 90 4.45 -1.63 23.02
N GLY B 91 4.74 -1.93 24.29
CA GLY B 91 5.05 -0.91 25.29
C GLY B 91 6.30 -0.14 24.94
N TRP B 92 7.35 -0.86 24.54
CA TRP B 92 8.63 -0.25 24.15
C TRP B 92 8.44 0.77 23.04
N VAL B 93 7.59 0.46 22.06
CA VAL B 93 7.31 1.40 20.96
C VAL B 93 6.64 2.65 21.52
N ALA B 94 5.68 2.49 22.43
CA ALA B 94 5.05 3.63 23.08
C ALA B 94 6.09 4.46 23.83
N HIS B 95 6.93 3.78 24.60
CA HIS B 95 7.98 4.43 25.40
C HIS B 95 8.97 5.18 24.52
N THR B 96 9.62 4.46 23.61
CA THR B 96 10.64 5.05 22.73
C THR B 96 10.04 6.01 21.68
N LYS B 97 8.76 5.84 21.37
CA LYS B 97 8.10 6.60 20.30
C LYS B 97 8.77 6.35 18.93
N LYS B 98 9.29 5.14 18.76
CA LYS B 98 10.08 4.78 17.59
C LYS B 98 9.38 3.67 16.84
N PHE B 99 9.64 3.59 15.53
CA PHE B 99 9.08 2.54 14.69
C PHE B 99 9.96 1.29 14.75
N PHE B 100 9.35 0.13 14.53
CA PHE B 100 10.08 -1.12 14.60
C PHE B 100 9.53 -2.15 13.61
N ASN B 101 10.42 -2.66 12.77
CA ASN B 101 10.18 -3.89 12.01
C ASN B 101 10.98 -4.99 12.69
N ILE B 102 10.26 -5.93 13.30
CA ILE B 102 10.88 -7.02 14.07
C ILE B 102 10.72 -8.33 13.30
N PRO B 103 11.83 -8.87 12.78
CA PRO B 103 11.75 -10.02 11.87
C PRO B 103 11.58 -11.36 12.57
N ASP B 104 11.79 -11.37 13.89
CA ASP B 104 11.78 -12.60 14.67
C ASP B 104 11.73 -12.22 16.15
N VAL B 105 10.51 -12.18 16.70
CA VAL B 105 10.33 -11.94 18.13
C VAL B 105 11.00 -13.04 18.92
N LYS B 106 11.24 -12.77 20.20
CA LYS B 106 11.98 -13.67 21.10
C LYS B 106 13.49 -13.56 20.91
N LYS B 107 13.94 -13.17 19.72
CA LYS B 107 15.26 -12.56 19.56
C LYS B 107 15.19 -11.09 19.96
N ASN B 108 13.96 -10.59 20.16
CA ASN B 108 13.71 -9.25 20.68
C ASN B 108 13.40 -9.31 22.18
N ASN B 109 14.25 -8.68 22.99
CA ASN B 109 14.17 -8.74 24.45
C ASN B 109 12.93 -8.11 25.09
N HIS B 110 12.27 -7.22 24.36
CA HIS B 110 11.12 -6.50 24.90
C HIS B 110 9.88 -7.34 24.76
N PHE B 111 9.90 -8.24 23.76
CA PHE B 111 8.80 -9.18 23.48
C PHE B 111 8.22 -9.78 24.77
N SER B 112 6.92 -9.56 24.95
CA SER B 112 6.12 -10.27 25.95
C SER B 112 5.33 -11.34 25.23
N ASP B 113 5.12 -12.46 25.90
CA ASP B 113 4.38 -13.59 25.34
C ASP B 113 3.16 -13.93 26.19
N TYR B 114 2.64 -12.93 26.90
CA TYR B 114 1.47 -13.14 27.75
C TYR B 114 0.26 -13.50 26.90
N LEU B 115 0.12 -12.84 25.76
CA LEU B 115 -1.10 -12.93 24.96
C LEU B 115 -1.07 -14.12 24.00
N ASP B 116 0.13 -14.54 23.60
CA ASP B 116 0.30 -15.75 22.81
C ASP B 116 -0.10 -16.96 23.64
N LYS B 117 0.21 -16.89 24.93
CA LYS B 117 -0.11 -17.97 25.84
C LYS B 117 -1.61 -17.99 26.13
N LYS B 118 -2.18 -16.81 26.33
CA LYS B 118 -3.57 -16.69 26.74
C LYS B 118 -4.55 -16.98 25.60
N THR B 119 -4.25 -16.46 24.41
CA THR B 119 -5.17 -16.60 23.27
C THR B 119 -4.95 -17.89 22.48
N GLY B 120 -3.69 -18.35 22.42
CA GLY B 120 -3.31 -19.50 21.59
C GLY B 120 -2.52 -19.12 20.34
N TYR B 121 -2.39 -17.84 20.05
CA TYR B 121 -1.72 -17.38 18.84
C TYR B 121 -0.21 -17.51 19.01
N THR B 122 0.53 -17.57 17.90
CA THR B 122 1.99 -17.45 17.93
C THR B 122 2.46 -16.25 17.11
N THR B 123 3.07 -15.30 17.80
CA THR B 123 3.62 -14.12 17.17
C THR B 123 5.05 -14.43 16.75
N VAL B 124 5.38 -14.20 15.50
CA VAL B 124 6.74 -14.40 15.00
C VAL B 124 7.30 -13.08 14.45
N ASN B 125 6.56 -12.48 13.52
CA ASN B 125 6.92 -11.24 12.87
C ASN B 125 6.03 -10.14 13.39
N MET B 126 6.48 -8.90 13.26
CA MET B 126 5.73 -7.77 13.76
C MET B 126 6.37 -6.47 13.27
N MET B 127 5.54 -5.61 12.70
CA MET B 127 5.90 -4.20 12.53
C MET B 127 5.05 -3.44 13.51
N ALA B 128 5.66 -2.51 14.23
CA ALA B 128 4.94 -1.71 15.23
C ALA B 128 5.31 -0.24 15.09
N ILE B 129 4.34 0.64 15.33
CA ILE B 129 4.54 2.07 15.18
C ILE B 129 3.60 2.83 16.12
N PRO B 130 4.11 3.90 16.78
CA PRO B 130 3.27 4.65 17.69
C PRO B 130 2.60 5.84 17.02
N ILE B 131 1.30 6.00 17.26
CA ILE B 131 0.59 7.22 16.89
C ILE B 131 0.83 8.25 17.99
N THR B 132 1.39 9.40 17.62
CA THR B 132 1.77 10.40 18.60
C THR B 132 1.19 11.76 18.29
N GLN B 133 0.40 12.30 19.21
CA GLN B 133 -0.09 13.68 19.11
C GLN B 133 0.88 14.57 19.89
N GLY B 134 1.87 15.10 19.18
CA GLY B 134 2.90 15.94 19.79
C GLY B 134 3.52 15.28 20.99
N LYS B 135 3.21 15.81 22.17
CA LYS B 135 3.74 15.34 23.45
C LYS B 135 3.58 13.82 23.58
N GLU B 136 2.33 13.37 23.60
CA GLU B 136 2.00 12.03 24.07
C GLU B 136 1.76 11.02 22.94
N VAL B 137 1.78 9.75 23.31
CA VAL B 137 1.38 8.67 22.41
C VAL B 137 -0.09 8.34 22.68
N LEU B 138 -0.88 8.31 21.61
CA LEU B 138 -2.32 8.03 21.73
C LEU B 138 -2.61 6.55 21.56
N ALA B 139 -1.82 5.88 20.73
CA ALA B 139 -2.02 4.47 20.46
C ALA B 139 -0.79 3.84 19.79
N VAL B 140 -0.73 2.52 19.81
CA VAL B 140 0.28 1.76 19.09
C VAL B 140 -0.48 0.84 18.13
N VAL B 141 -0.18 0.93 16.84
CA VAL B 141 -0.74 0.02 15.86
C VAL B 141 0.35 -0.98 15.51
N MET B 142 -0.07 -2.18 15.12
CA MET B 142 0.89 -3.18 14.63
C MET B 142 0.32 -4.24 13.69
N ALA B 143 1.20 -4.69 12.78
CA ALA B 143 0.95 -5.79 11.86
C ALA B 143 1.75 -7.01 12.32
N LEU B 144 1.12 -8.18 12.34
CA LEU B 144 1.77 -9.43 12.78
C LEU B 144 1.84 -10.51 11.69
N ASN B 145 2.95 -11.23 11.68
CA ASN B 145 3.07 -12.47 10.90
C ASN B 145 2.75 -12.31 9.42
N LYS B 146 3.77 -11.91 8.66
CA LYS B 146 3.69 -11.81 7.21
C LYS B 146 3.37 -13.18 6.64
N LEU B 147 2.53 -13.19 5.61
CA LEU B 147 2.10 -14.41 4.95
C LEU B 147 2.93 -14.62 3.68
N ASN B 148 3.23 -15.87 3.36
CA ASN B 148 4.04 -16.23 2.19
C ASN B 148 5.50 -15.68 2.23
N ALA B 149 6.00 -15.36 3.42
CA ALA B 149 7.32 -14.77 3.58
C ALA B 149 7.82 -14.84 5.03
N SER B 150 9.12 -14.66 5.19
CA SER B 150 9.81 -14.87 6.46
C SER B 150 9.85 -13.63 7.35
N GLU B 151 9.81 -12.44 6.74
CA GLU B 151 9.68 -11.20 7.50
C GLU B 151 8.92 -10.15 6.70
N PHE B 152 8.56 -9.04 7.36
CA PHE B 152 8.06 -7.87 6.63
C PHE B 152 9.22 -7.12 5.97
N SER B 153 9.06 -6.82 4.69
CA SER B 153 10.12 -6.25 3.86
C SER B 153 10.26 -4.76 4.07
N LYS B 154 11.25 -4.15 3.42
CA LYS B 154 11.38 -2.70 3.42
C LYS B 154 10.16 -2.07 2.76
N GLU B 155 9.71 -2.67 1.65
CA GLU B 155 8.54 -2.17 0.96
C GLU B 155 7.31 -2.22 1.86
N ASP B 156 7.17 -3.27 2.66
CA ASP B 156 6.04 -3.38 3.58
C ASP B 156 6.09 -2.26 4.63
N GLU B 157 7.28 -1.73 4.91
CA GLU B 157 7.40 -0.64 5.88
C GLU B 157 6.79 0.63 5.33
N GLU B 158 7.15 0.96 4.09
CA GLU B 158 6.67 2.18 3.46
C GLU B 158 5.15 2.20 3.32
N VAL B 159 4.56 1.04 3.11
CA VAL B 159 3.12 0.92 2.96
C VAL B 159 2.43 1.09 4.31
N PHE B 160 2.95 0.39 5.31
CA PHE B 160 2.51 0.53 6.71
C PHE B 160 2.60 1.99 7.17
N LYS B 161 3.75 2.62 6.95
CA LYS B 161 3.94 4.04 7.28
C LYS B 161 2.90 4.92 6.59
N LYS B 162 2.67 4.64 5.30
CA LYS B 162 1.72 5.39 4.49
C LYS B 162 0.32 5.38 5.10
N TYR B 163 -0.20 4.20 5.44
CA TYR B 163 -1.53 4.10 6.05
C TYR B 163 -1.56 4.73 7.46
N LEU B 164 -0.48 4.57 8.20
CA LEU B 164 -0.43 5.11 9.56
C LEU B 164 -0.42 6.63 9.61
N ASN B 165 0.13 7.28 8.59
CA ASN B 165 -0.02 8.71 8.46
C ASN B 165 -1.50 9.11 8.51
N PHE B 166 -2.34 8.30 7.86
CA PHE B 166 -3.79 8.58 7.78
C PHE B 166 -4.48 8.19 9.07
N ILE B 167 -4.10 7.05 9.63
CA ILE B 167 -4.69 6.60 10.89
C ILE B 167 -4.33 7.58 11.99
N SER B 168 -3.08 8.06 11.95
CA SER B 168 -2.59 9.04 12.91
C SER B 168 -3.47 10.30 12.96
N LEU B 169 -3.89 10.79 11.79
CA LEU B 169 -4.78 11.94 11.73
C LEU B 169 -6.18 11.61 12.27
N VAL B 170 -6.66 10.42 11.95
CA VAL B 170 -7.99 9.97 12.38
C VAL B 170 -8.17 10.00 13.89
N LEU B 171 -7.13 9.64 14.65
CA LEU B 171 -7.19 9.69 16.10
C LEU B 171 -6.90 11.10 16.62
N ARG B 172 -7.60 12.08 16.04
CA ARG B 172 -7.52 13.47 16.46
C ARG B 172 -8.84 14.15 16.14
#